data_7NAY
#
_entry.id   7NAY
#
_cell.length_a   62.750
_cell.length_b   104.260
_cell.length_c   110.940
_cell.angle_alpha   90.000
_cell.angle_beta   90.000
_cell.angle_gamma   90.000
#
_symmetry.space_group_name_H-M   'I 2 2 2'
#
loop_
_entity.id
_entity.type
_entity.pdbx_description
1 polymer 'L-lactate dehydrogenase'
2 non-polymer NICOTINAMIDE-ADENINE-DINUCLEOTIDE
3 non-polymer 'MALONIC ACID'
4 non-polymer 'BORIC ACID'
5 non-polymer 1,2-ETHANEDIOL
6 non-polymer 'PENTAETHYLENE GLYCOL'
7 water water
#
_entity_poly.entity_id   1
_entity_poly.type   'polypeptide(L)'
_entity_poly.pdbx_seq_one_letter_code
;MNNRRKIVVIGASNVGSAVANKIADFQLATEVVLIDLNEDKAWGEAKDSSHATS(CSD)IYSTNIKFHLGDYEDCKDANI
IVITAGPSIRPGETPDRLKLAGTNAKIMSSVMGEIVKRTKEAMIIMITNPLDVATYVVSTQFDYPRNLILGTGTMLETYR
FRRILADKYQVDPKNINGYVLGEHGNAAFVAWSTTGCAGFPIDDLDEYFHRTEKLSHEAVEQELVQVAYDVINKKGFTNT
GIAMAACRFIKSVLYDEHTILPCSAVLEGEYGIKDVALSIPRMV(OCS)ADGIMRSFEVHLTDDELEKMHKAAQSVRSAL
DGAGIKHHHHHH
;
_entity_poly.pdbx_strand_id   A
#
loop_
_chem_comp.id
_chem_comp.type
_chem_comp.name
_chem_comp.formula
1PE non-polymer 'PENTAETHYLENE GLYCOL' 'C10 H22 O6'
BO3 non-polymer 'BORIC ACID' 'B H3 O3'
EDO non-polymer 1,2-ETHANEDIOL 'C2 H6 O2'
MLA non-polymer 'MALONIC ACID' 'C3 H4 O4'
NAD non-polymer NICOTINAMIDE-ADENINE-DINUCLEOTIDE 'C21 H27 N7 O14 P2'
#
# COMPACT_ATOMS: atom_id res chain seq x y z
N MET A 1 21.64 13.43 19.09
CA MET A 1 20.54 12.68 18.38
C MET A 1 20.16 13.48 17.13
N ASN A 2 19.18 13.00 16.36
CA ASN A 2 18.87 13.62 15.04
C ASN A 2 17.41 14.09 15.02
N ASN A 3 17.25 15.40 14.89
CA ASN A 3 15.95 16.10 14.88
C ASN A 3 15.36 15.96 13.45
N ARG A 4 16.17 15.57 12.47
CA ARG A 4 15.76 15.60 11.04
C ARG A 4 15.01 14.30 10.70
N ARG A 5 14.11 14.36 9.72
CA ARG A 5 13.43 13.15 9.18
C ARG A 5 13.65 13.19 7.67
N LYS A 6 14.20 12.12 7.16
CA LYS A 6 14.60 12.01 5.75
C LYS A 6 13.79 10.87 5.14
N ILE A 7 13.08 11.17 4.05
CA ILE A 7 12.33 10.11 3.34
C ILE A 7 12.83 10.01 1.92
N VAL A 8 13.12 8.80 1.46
CA VAL A 8 13.60 8.59 0.08
C VAL A 8 12.43 7.97 -0.68
N VAL A 9 12.17 8.50 -1.87
CA VAL A 9 11.12 7.93 -2.74
C VAL A 9 11.82 7.39 -3.97
N ILE A 10 11.70 6.09 -4.22
CA ILE A 10 12.31 5.44 -5.39
C ILE A 10 11.24 5.31 -6.46
N GLY A 11 11.49 5.87 -7.63
CA GLY A 11 10.51 6.04 -8.70
C GLY A 11 9.88 7.41 -8.54
N ALA A 12 10.14 8.30 -9.48
CA ALA A 12 9.73 9.73 -9.43
C ALA A 12 8.71 10.00 -10.53
N SER A 13 7.90 9.02 -10.91
CA SER A 13 6.84 9.22 -11.92
C SER A 13 5.54 9.58 -11.20
N ASN A 14 4.41 9.18 -11.75
CA ASN A 14 3.09 9.63 -11.25
C ASN A 14 2.93 9.30 -9.76
N VAL A 15 3.26 8.09 -9.37
CA VAL A 15 3.02 7.61 -7.98
C VAL A 15 4.04 8.23 -7.04
N GLY A 16 5.32 8.12 -7.38
CA GLY A 16 6.39 8.64 -6.51
C GLY A 16 6.25 10.12 -6.26
N SER A 17 5.90 10.87 -7.30
N SER A 17 5.95 10.88 -7.32
CA SER A 17 5.82 12.34 -7.22
CA SER A 17 5.80 12.36 -7.23
C SER A 17 4.58 12.73 -6.39
C SER A 17 4.61 12.68 -6.32
N ALA A 18 3.50 11.98 -6.49
CA ALA A 18 2.29 12.20 -5.65
C ALA A 18 2.60 11.84 -4.18
N VAL A 19 3.32 10.77 -3.94
CA VAL A 19 3.68 10.38 -2.54
C VAL A 19 4.56 11.51 -1.97
N ALA A 20 5.57 11.94 -2.73
CA ALA A 20 6.55 12.94 -2.30
C ALA A 20 5.82 14.25 -1.97
N ASN A 21 4.86 14.63 -2.82
CA ASN A 21 4.12 15.92 -2.67
C ASN A 21 3.12 15.87 -1.51
N LYS A 22 2.47 14.72 -1.29
CA LYS A 22 1.63 14.57 -0.08
C LYS A 22 2.52 14.69 1.17
N ILE A 23 3.66 13.99 1.20
CA ILE A 23 4.63 14.12 2.31
C ILE A 23 4.93 15.61 2.53
N ALA A 24 5.19 16.37 1.46
CA ALA A 24 5.56 17.78 1.60
C ALA A 24 4.35 18.57 2.14
N ASP A 25 3.16 18.30 1.62
CA ASP A 25 1.93 19.03 2.02
C ASP A 25 1.69 18.82 3.52
N PHE A 26 1.82 17.58 3.99
CA PHE A 26 1.54 17.24 5.41
C PHE A 26 2.77 17.47 6.27
N GLN A 27 3.88 17.93 5.68
CA GLN A 27 5.13 18.28 6.39
C GLN A 27 5.64 17.06 7.19
N LEU A 28 5.72 15.90 6.54
CA LEU A 28 6.07 14.63 7.20
C LEU A 28 7.57 14.36 7.14
N ALA A 29 8.35 15.25 6.52
CA ALA A 29 9.81 15.09 6.41
C ALA A 29 10.51 16.44 6.45
N THR A 30 11.79 16.40 6.81
CA THR A 30 12.74 17.53 6.71
C THR A 30 13.27 17.58 5.27
N GLU A 31 13.47 16.39 4.69
CA GLU A 31 14.24 16.18 3.45
C GLU A 31 13.57 15.04 2.68
N VAL A 32 13.27 15.29 1.41
CA VAL A 32 12.64 14.28 0.51
C VAL A 32 13.59 14.09 -0.66
N VAL A 33 14.02 12.86 -0.83
CA VAL A 33 14.97 12.52 -1.92
C VAL A 33 14.25 11.69 -2.96
N LEU A 34 14.42 12.04 -4.23
CA LEU A 34 13.86 11.25 -5.36
C LEU A 34 14.97 10.48 -6.07
N ILE A 35 14.74 9.19 -6.26
CA ILE A 35 15.65 8.28 -7.01
C ILE A 35 14.86 7.73 -8.18
N ASP A 36 15.45 7.82 -9.37
CA ASP A 36 14.87 7.22 -10.57
C ASP A 36 16.01 6.91 -11.56
N LEU A 37 15.90 5.80 -12.30
CA LEU A 37 16.74 5.56 -13.51
C LEU A 37 16.70 6.79 -14.39
N ASN A 38 15.54 7.42 -14.55
CA ASN A 38 15.44 8.70 -15.28
C ASN A 38 15.77 9.82 -14.29
N GLU A 39 17.04 10.19 -14.14
CA GLU A 39 17.45 11.19 -13.14
C GLU A 39 16.90 12.56 -13.55
N ASP A 40 16.70 12.80 -14.84
CA ASP A 40 16.13 14.09 -15.34
C ASP A 40 14.75 14.28 -14.72
N LYS A 41 13.93 13.23 -14.75
CA LYS A 41 12.56 13.31 -14.17
C LYS A 41 12.66 13.55 -12.66
N ALA A 42 13.45 12.72 -11.96
CA ALA A 42 13.65 12.88 -10.51
C ALA A 42 14.08 14.33 -10.19
N TRP A 43 15.01 14.89 -10.98
CA TRP A 43 15.53 16.25 -10.77
C TRP A 43 14.37 17.25 -11.00
N GLY A 44 13.64 17.11 -12.11
CA GLY A 44 12.53 18.02 -12.42
C GLY A 44 11.45 18.02 -11.33
N GLU A 45 11.03 16.84 -10.91
CA GLU A 45 10.03 16.64 -9.81
C GLU A 45 10.52 17.32 -8.53
N ALA A 46 11.77 17.07 -8.15
CA ALA A 46 12.38 17.66 -6.95
C ALA A 46 12.46 19.19 -7.10
N LYS A 47 12.78 19.69 -8.28
CA LYS A 47 12.89 21.14 -8.47
C LYS A 47 11.50 21.80 -8.33
N ASP A 48 10.50 21.24 -9.00
CA ASP A 48 9.11 21.74 -8.95
C ASP A 48 8.66 21.76 -7.47
N SER A 49 8.95 20.70 -6.73
CA SER A 49 8.59 20.57 -5.29
C SER A 49 9.34 21.62 -4.47
N SER A 50 10.59 21.89 -4.79
CA SER A 50 11.45 22.83 -4.02
C SER A 50 10.87 24.24 -4.08
N HIS A 51 10.14 24.56 -5.14
CA HIS A 51 9.46 25.87 -5.33
C HIS A 51 8.21 25.88 -4.41
N ALA A 52 7.43 24.82 -4.42
CA ALA A 52 6.26 24.69 -3.51
C ALA A 52 6.73 24.87 -2.09
N THR A 53 7.91 24.35 -1.68
CA THR A 53 8.30 24.37 -0.26
C THR A 53 9.00 25.71 0.08
N SER A 54 8.92 26.67 -0.80
CA SER A 54 9.33 28.07 -0.56
C SER A 54 8.12 28.98 -0.25
N CSD A 55 6.93 28.39 -0.17
CA CSD A 55 5.73 29.11 0.21
CB CSD A 55 4.48 28.27 -0.10
SG CSD A 55 2.89 29.23 0.00
C CSD A 55 5.80 29.49 1.69
O CSD A 55 6.38 28.74 2.49
OD1 CSD A 55 2.51 29.13 1.41
OD2 CSD A 55 3.28 30.65 -0.54
N ILE A 56 5.21 30.63 2.05
CA ILE A 56 5.21 31.16 3.41
C ILE A 56 4.58 30.16 4.38
N TYR A 57 3.67 29.32 3.90
CA TYR A 57 2.96 28.33 4.76
C TYR A 57 3.66 26.96 4.72
N SER A 58 4.74 26.81 3.98
CA SER A 58 5.50 25.53 3.98
C SER A 58 6.67 25.63 4.94
N THR A 59 7.00 24.53 5.63
CA THR A 59 8.34 24.38 6.23
C THR A 59 9.34 24.30 5.06
N ASN A 60 10.60 24.65 5.33
CA ASN A 60 11.70 24.57 4.34
C ASN A 60 12.11 23.11 4.14
N ILE A 61 11.27 22.36 3.42
CA ILE A 61 11.54 20.92 3.12
C ILE A 61 12.49 20.84 1.95
N LYS A 62 13.62 20.16 2.15
CA LYS A 62 14.70 20.05 1.15
C LYS A 62 14.37 18.91 0.19
N PHE A 63 14.05 19.23 -1.06
CA PHE A 63 13.80 18.25 -2.13
C PHE A 63 15.04 18.16 -3.02
N HIS A 64 15.44 16.96 -3.40
CA HIS A 64 16.55 16.87 -4.38
C HIS A 64 16.57 15.51 -5.02
N LEU A 65 17.12 15.51 -6.24
CA LEU A 65 17.57 14.26 -6.88
C LEU A 65 18.59 13.63 -5.94
N GLY A 66 18.56 12.32 -5.76
CA GLY A 66 19.63 11.70 -4.99
C GLY A 66 19.97 10.36 -5.56
N ASP A 67 20.68 9.56 -4.80
CA ASP A 67 21.11 8.21 -5.21
C ASP A 67 21.01 7.31 -3.98
N TYR A 68 21.46 6.06 -4.04
CA TYR A 68 21.27 5.12 -2.91
C TYR A 68 22.04 5.58 -1.68
N GLU A 69 23.04 6.47 -1.79
CA GLU A 69 23.77 6.89 -0.55
C GLU A 69 22.78 7.64 0.35
N ASP A 70 21.68 8.17 -0.22
CA ASP A 70 20.64 8.89 0.56
C ASP A 70 19.84 7.90 1.42
N CYS A 71 19.91 6.59 1.12
CA CYS A 71 19.27 5.55 1.97
C CYS A 71 19.99 5.35 3.30
N LYS A 72 21.26 5.75 3.42
CA LYS A 72 22.07 5.52 4.65
C LYS A 72 21.33 6.10 5.85
N ASP A 73 20.86 7.33 5.75
CA ASP A 73 20.27 7.98 6.94
C ASP A 73 18.78 8.23 6.70
N ALA A 74 18.15 7.41 5.83
CA ALA A 74 16.69 7.50 5.55
C ALA A 74 15.89 6.91 6.70
N ASN A 75 14.90 7.65 7.19
CA ASN A 75 13.93 7.15 8.18
C ASN A 75 12.99 6.17 7.50
N ILE A 76 12.56 6.54 6.30
CA ILE A 76 11.55 5.84 5.48
C ILE A 76 12.00 5.85 4.03
N ILE A 77 11.76 4.74 3.34
CA ILE A 77 12.01 4.56 1.92
C ILE A 77 10.72 4.00 1.34
N VAL A 78 10.14 4.74 0.42
CA VAL A 78 8.89 4.38 -0.28
C VAL A 78 9.29 3.92 -1.68
N ILE A 79 8.92 2.69 -2.02
CA ILE A 79 9.33 2.10 -3.32
C ILE A 79 8.14 2.12 -4.28
N THR A 80 8.29 2.94 -5.34
CA THR A 80 7.24 3.13 -6.37
C THR A 80 7.78 2.81 -7.77
N ALA A 81 8.99 2.26 -7.90
CA ALA A 81 9.67 2.07 -9.19
C ALA A 81 8.98 0.92 -9.94
N GLY A 82 8.95 1.05 -11.26
CA GLY A 82 8.48 -0.05 -12.13
C GLY A 82 7.18 0.33 -12.78
N PRO A 83 6.86 -0.32 -13.92
CA PRO A 83 5.68 0.03 -14.68
C PRO A 83 4.38 -0.42 -14.00
N SER A 84 3.30 0.25 -14.39
CA SER A 84 1.92 -0.15 -14.06
C SER A 84 1.27 -0.89 -15.24
N ILE A 85 0.07 -1.39 -15.00
CA ILE A 85 -0.85 -1.82 -16.07
C ILE A 85 -1.37 -0.55 -16.73
N ARG A 86 -1.54 -0.62 -18.04
CA ARG A 86 -1.81 0.57 -18.86
C ARG A 86 -3.24 0.49 -19.36
N PRO A 87 -3.84 1.63 -19.77
CA PRO A 87 -5.19 1.60 -20.31
C PRO A 87 -5.36 0.53 -21.41
N GLY A 88 -6.47 -0.20 -21.35
CA GLY A 88 -6.84 -1.20 -22.37
C GLY A 88 -6.11 -2.52 -22.19
N GLU A 89 -5.14 -2.61 -21.28
CA GLU A 89 -4.44 -3.88 -21.02
C GLU A 89 -5.30 -4.77 -20.12
N THR A 90 -4.90 -6.03 -19.97
CA THR A 90 -5.57 -7.01 -19.09
C THR A 90 -5.64 -6.42 -17.68
N PRO A 91 -6.84 -6.29 -17.08
CA PRO A 91 -6.97 -5.73 -15.72
C PRO A 91 -6.47 -6.72 -14.69
N ASP A 92 -5.17 -6.94 -14.66
CA ASP A 92 -4.55 -7.91 -13.71
C ASP A 92 -3.13 -7.45 -13.39
N ARG A 93 -2.96 -6.86 -12.20
CA ARG A 93 -1.66 -6.37 -11.73
C ARG A 93 -0.66 -7.54 -11.68
N LEU A 94 -1.13 -8.78 -11.49
CA LEU A 94 -0.22 -9.94 -11.34
C LEU A 94 0.59 -10.15 -12.64
N LYS A 95 0.14 -9.57 -13.75
CA LYS A 95 0.90 -9.69 -15.04
C LYS A 95 2.24 -8.94 -14.93
N LEU A 96 2.37 -8.07 -13.94
CA LEU A 96 3.60 -7.28 -13.73
C LEU A 96 4.61 -8.09 -12.93
N ALA A 97 4.29 -9.29 -12.45
CA ALA A 97 5.15 -9.99 -11.47
C ALA A 97 6.56 -10.19 -12.04
N GLY A 98 6.67 -10.68 -13.28
CA GLY A 98 7.94 -11.13 -13.88
C GLY A 98 8.91 -9.96 -13.97
N THR A 99 8.47 -8.85 -14.56
N THR A 99 8.47 -8.85 -14.57
CA THR A 99 9.29 -7.62 -14.72
CA THR A 99 9.30 -7.62 -14.72
C THR A 99 9.54 -6.99 -13.36
C THR A 99 9.55 -6.99 -13.34
N ASN A 100 8.50 -6.81 -12.54
CA ASN A 100 8.65 -5.90 -11.36
C ASN A 100 9.35 -6.62 -10.23
N ALA A 101 9.29 -7.97 -10.18
CA ALA A 101 10.07 -8.77 -9.20
C ALA A 101 11.55 -8.48 -9.38
N LYS A 102 11.99 -8.41 -10.64
CA LYS A 102 13.41 -8.16 -10.98
C LYS A 102 13.79 -6.74 -10.56
N ILE A 103 12.94 -5.76 -10.84
CA ILE A 103 13.22 -4.34 -10.43
C ILE A 103 13.33 -4.28 -8.89
N MET A 104 12.42 -4.94 -8.19
CA MET A 104 12.41 -4.90 -6.72
C MET A 104 13.70 -5.53 -6.15
N SER A 105 14.14 -6.63 -6.75
CA SER A 105 15.42 -7.26 -6.33
C SER A 105 16.58 -6.28 -6.55
N SER A 106 16.60 -5.62 -7.71
CA SER A 106 17.67 -4.66 -8.02
C SER A 106 17.62 -3.50 -7.00
N VAL A 107 16.44 -2.93 -6.77
CA VAL A 107 16.29 -1.75 -5.88
C VAL A 107 16.59 -2.18 -4.45
N MET A 108 16.00 -3.26 -3.95
CA MET A 108 16.26 -3.69 -2.55
C MET A 108 17.73 -4.08 -2.39
N GLY A 109 18.32 -4.69 -3.42
CA GLY A 109 19.77 -5.01 -3.51
C GLY A 109 20.65 -3.82 -3.14
N GLU A 110 20.28 -2.63 -3.59
CA GLU A 110 21.07 -1.38 -3.41
C GLU A 110 20.78 -0.82 -2.02
N ILE A 111 19.51 -0.82 -1.62
CA ILE A 111 19.10 -0.28 -0.29
C ILE A 111 19.88 -0.99 0.84
N VAL A 112 19.94 -2.31 0.82
CA VAL A 112 20.45 -3.11 1.97
C VAL A 112 21.97 -2.91 2.09
N LYS A 113 22.64 -2.42 1.05
CA LYS A 113 24.09 -2.05 1.15
C LYS A 113 24.22 -0.86 2.09
N ARG A 114 23.22 0.01 2.19
CA ARG A 114 23.32 1.31 2.91
C ARG A 114 22.61 1.28 4.26
N THR A 115 21.57 0.48 4.45
CA THR A 115 20.78 0.57 5.68
C THR A 115 20.14 -0.76 6.02
N LYS A 116 19.97 -0.96 7.31
CA LYS A 116 19.15 -2.04 7.91
C LYS A 116 18.16 -1.43 8.88
N GLU A 117 17.93 -0.12 8.77
CA GLU A 117 17.15 0.62 9.79
C GLU A 117 16.00 1.45 9.20
N ALA A 118 15.94 1.64 7.88
CA ALA A 118 14.87 2.43 7.24
C ALA A 118 13.58 1.62 7.22
N MET A 119 12.46 2.27 7.57
CA MET A 119 11.12 1.70 7.31
C MET A 119 10.90 1.69 5.80
N ILE A 120 10.60 0.52 5.26
N ILE A 120 10.59 0.52 5.27
CA ILE A 120 10.33 0.37 3.80
CA ILE A 120 10.32 0.33 3.81
C ILE A 120 8.82 0.26 3.61
C ILE A 120 8.79 0.27 3.63
N ILE A 121 8.25 1.18 2.84
CA ILE A 121 6.84 1.16 2.42
C ILE A 121 6.81 0.78 0.95
N MET A 122 6.29 -0.41 0.68
CA MET A 122 6.19 -0.95 -0.70
C MET A 122 4.89 -0.45 -1.31
N ILE A 123 4.98 -0.01 -2.58
CA ILE A 123 3.80 0.43 -3.36
C ILE A 123 3.84 -0.26 -4.74
N THR A 124 5.04 -0.45 -5.28
CA THR A 124 5.20 -1.09 -6.61
C THR A 124 4.32 -2.34 -6.78
N ASN A 125 3.66 -2.44 -7.92
CA ASN A 125 2.81 -3.61 -8.23
C ASN A 125 3.61 -4.74 -8.87
N PRO A 126 3.15 -6.02 -8.79
CA PRO A 126 1.99 -6.49 -7.96
C PRO A 126 2.37 -6.26 -6.49
N LEU A 127 1.56 -5.50 -5.76
CA LEU A 127 1.96 -5.05 -4.39
C LEU A 127 2.37 -6.23 -3.49
N ASP A 128 1.57 -7.27 -3.43
CA ASP A 128 1.88 -8.41 -2.51
C ASP A 128 3.13 -9.11 -3.02
N VAL A 129 3.23 -9.28 -4.33
CA VAL A 129 4.44 -9.88 -4.98
C VAL A 129 5.68 -9.06 -4.56
N ALA A 130 5.70 -7.78 -4.87
CA ALA A 130 6.82 -6.86 -4.57
C ALA A 130 7.14 -6.93 -3.06
N THR A 131 6.11 -6.90 -2.20
CA THR A 131 6.33 -6.92 -0.73
C THR A 131 7.02 -8.25 -0.36
N TYR A 132 6.55 -9.35 -0.95
CA TYR A 132 7.15 -10.69 -0.74
C TYR A 132 8.63 -10.70 -1.16
N VAL A 133 8.93 -10.21 -2.36
CA VAL A 133 10.31 -10.28 -2.92
C VAL A 133 11.29 -9.61 -1.93
N VAL A 134 10.96 -8.39 -1.48
CA VAL A 134 11.92 -7.63 -0.63
C VAL A 134 11.96 -8.20 0.77
N SER A 135 10.94 -8.94 1.20
CA SER A 135 10.85 -9.50 2.56
C SER A 135 11.64 -10.82 2.66
N THR A 136 11.83 -11.55 1.57
CA THR A 136 12.31 -12.97 1.61
C THR A 136 13.68 -13.11 0.94
N GLN A 137 14.03 -12.27 -0.02
CA GLN A 137 15.28 -12.45 -0.81
C GLN A 137 16.48 -11.78 -0.16
N PHE A 138 16.25 -10.95 0.85
CA PHE A 138 17.30 -10.18 1.56
C PHE A 138 17.12 -10.38 3.06
N ASP A 139 18.23 -10.31 3.79
N ASP A 139 18.20 -10.18 3.81
CA ASP A 139 18.19 -10.22 5.26
CA ASP A 139 18.24 -10.22 5.29
C ASP A 139 17.91 -8.75 5.55
C ASP A 139 17.98 -8.80 5.82
N TYR A 140 16.73 -8.47 6.08
CA TYR A 140 16.27 -7.12 6.47
C TYR A 140 15.30 -7.35 7.62
N PRO A 141 15.31 -6.51 8.67
CA PRO A 141 14.37 -6.67 9.78
C PRO A 141 12.97 -6.70 9.17
N ARG A 142 12.23 -7.78 9.42
CA ARG A 142 10.93 -8.06 8.78
C ARG A 142 9.95 -6.97 9.20
N ASN A 143 10.08 -6.49 10.45
CA ASN A 143 9.16 -5.45 10.99
C ASN A 143 9.26 -4.17 10.14
N LEU A 144 10.34 -3.95 9.42
CA LEU A 144 10.58 -2.67 8.72
C LEU A 144 10.09 -2.70 7.27
N ILE A 145 9.23 -3.64 6.90
CA ILE A 145 8.69 -3.76 5.52
C ILE A 145 7.17 -3.82 5.62
N LEU A 146 6.49 -2.94 4.90
CA LEU A 146 5.03 -2.88 4.89
C LEU A 146 4.64 -2.56 3.46
N GLY A 147 3.73 -3.32 2.88
CA GLY A 147 3.05 -2.91 1.63
C GLY A 147 1.76 -2.19 1.96
N THR A 148 1.45 -1.13 1.24
CA THR A 148 0.19 -0.36 1.45
C THR A 148 -1.02 -1.28 1.34
N GLY A 149 -0.99 -2.24 0.41
CA GLY A 149 -1.96 -3.32 0.27
C GLY A 149 -3.38 -2.81 0.14
N THR A 150 -4.29 -3.42 0.90
CA THR A 150 -5.74 -3.15 0.81
C THR A 150 -6.11 -1.98 1.71
N MET A 151 -5.15 -1.19 2.17
CA MET A 151 -5.52 0.14 2.73
C MET A 151 -6.28 0.92 1.63
N LEU A 152 -5.79 0.92 0.38
CA LEU A 152 -6.41 1.72 -0.71
C LEU A 152 -7.80 1.13 -1.04
N GLU A 153 -7.92 -0.19 -1.17
CA GLU A 153 -9.28 -0.77 -1.37
C GLU A 153 -10.19 -0.35 -0.21
N THR A 154 -9.64 -0.29 1.01
CA THR A 154 -10.46 0.07 2.20
C THR A 154 -10.95 1.52 2.04
N TYR A 155 -10.11 2.47 1.58
CA TYR A 155 -10.59 3.85 1.30
C TYR A 155 -11.73 3.76 0.28
N ARG A 156 -11.57 2.90 -0.71
CA ARG A 156 -12.57 2.78 -1.81
C ARG A 156 -13.90 2.27 -1.26
N PHE A 157 -13.83 1.27 -0.41
CA PHE A 157 -15.00 0.73 0.34
C PHE A 157 -15.71 1.86 1.07
N ARG A 158 -14.94 2.66 1.81
CA ARG A 158 -15.54 3.77 2.60
C ARG A 158 -16.23 4.77 1.67
N ARG A 159 -15.56 5.14 0.58
CA ARG A 159 -16.12 6.17 -0.33
C ARG A 159 -17.41 5.66 -0.98
N ILE A 160 -17.40 4.40 -1.43
CA ILE A 160 -18.60 3.84 -2.11
C ILE A 160 -19.77 3.95 -1.13
N LEU A 161 -19.62 3.49 0.10
CA LEU A 161 -20.75 3.50 1.06
C LEU A 161 -21.03 4.96 1.47
N ALA A 162 -20.00 5.79 1.59
CA ALA A 162 -20.18 7.24 1.92
C ALA A 162 -21.05 7.88 0.84
N ASP A 163 -20.74 7.60 -0.42
CA ASP A 163 -21.43 8.23 -1.57
C ASP A 163 -22.85 7.66 -1.67
N LYS A 164 -23.02 6.37 -1.42
CA LYS A 164 -24.33 5.70 -1.56
C LYS A 164 -25.32 6.27 -0.55
N TYR A 165 -24.89 6.53 0.70
CA TYR A 165 -25.81 6.87 1.80
C TYR A 165 -25.62 8.31 2.30
N GLN A 166 -24.67 9.03 1.71
N GLN A 166 -24.72 9.07 1.68
CA GLN A 166 -24.39 10.43 2.12
CA GLN A 166 -24.35 10.44 2.13
C GLN A 166 -24.02 10.40 3.60
C GLN A 166 -24.03 10.37 3.63
N VAL A 167 -23.02 9.59 3.93
N VAL A 167 -23.11 9.50 4.02
CA VAL A 167 -22.47 9.48 5.31
CA VAL A 167 -22.49 9.53 5.38
C VAL A 167 -20.97 9.75 5.21
C VAL A 167 -21.00 9.79 5.21
N ASP A 168 -20.34 10.17 6.31
CA ASP A 168 -18.88 10.37 6.35
C ASP A 168 -18.18 9.03 6.12
N PRO A 169 -17.21 8.93 5.19
CA PRO A 169 -16.47 7.69 4.98
C PRO A 169 -15.73 7.23 6.25
N LYS A 170 -15.37 8.19 7.12
CA LYS A 170 -14.68 7.85 8.39
C LYS A 170 -15.61 7.06 9.30
N ASN A 171 -16.94 7.14 9.13
CA ASN A 171 -17.90 6.30 9.88
C ASN A 171 -17.86 4.85 9.41
N ILE A 172 -17.26 4.56 8.23
CA ILE A 172 -17.26 3.19 7.67
C ILE A 172 -16.06 2.43 8.23
N ASN A 173 -16.31 1.48 9.13
CA ASN A 173 -15.30 0.70 9.87
C ASN A 173 -15.15 -0.68 9.22
N GLY A 174 -14.02 -1.33 9.46
CA GLY A 174 -13.76 -2.65 8.90
C GLY A 174 -12.79 -2.63 7.74
N TYR A 175 -12.57 -3.80 7.17
CA TYR A 175 -11.48 -3.88 6.18
C TYR A 175 -11.77 -4.59 4.87
N VAL A 176 -11.05 -4.11 3.86
CA VAL A 176 -10.97 -4.95 2.63
C VAL A 176 -9.62 -5.65 2.90
N LEU A 177 -9.57 -6.96 2.77
CA LEU A 177 -8.34 -7.76 3.02
C LEU A 177 -7.96 -8.57 1.76
N GLY A 178 -6.87 -9.32 1.85
CA GLY A 178 -6.36 -10.19 0.78
C GLY A 178 -5.39 -9.49 -0.13
N GLU A 179 -5.56 -9.72 -1.43
CA GLU A 179 -4.69 -9.18 -2.49
C GLU A 179 -5.07 -7.73 -2.78
N HIS A 180 -4.06 -6.88 -3.00
CA HIS A 180 -4.30 -5.59 -3.68
C HIS A 180 -4.49 -5.93 -5.16
N GLY A 181 -5.69 -6.31 -5.55
CA GLY A 181 -5.94 -6.96 -6.85
C GLY A 181 -7.28 -7.65 -6.89
N ASN A 182 -7.42 -8.60 -7.82
CA ASN A 182 -8.75 -9.17 -8.13
C ASN A 182 -9.20 -10.08 -6.97
N ALA A 183 -8.31 -10.50 -6.09
CA ALA A 183 -8.67 -11.35 -4.94
C ALA A 183 -8.75 -10.49 -3.67
N ALA A 184 -8.89 -9.17 -3.78
CA ALA A 184 -9.33 -8.33 -2.64
C ALA A 184 -10.73 -8.80 -2.26
N PHE A 185 -11.06 -8.79 -0.99
CA PHE A 185 -12.46 -9.03 -0.55
C PHE A 185 -12.80 -8.16 0.65
N VAL A 186 -14.08 -7.84 0.80
CA VAL A 186 -14.60 -7.17 2.01
C VAL A 186 -14.76 -8.20 3.12
N ALA A 187 -14.08 -7.99 4.25
CA ALA A 187 -14.33 -8.77 5.47
C ALA A 187 -15.53 -8.15 6.19
N TRP A 188 -16.72 -8.43 5.66
CA TRP A 188 -18.00 -7.91 6.22
C TRP A 188 -18.08 -8.17 7.72
N SER A 189 -17.55 -9.29 8.18
CA SER A 189 -17.54 -9.66 9.63
C SER A 189 -16.89 -8.55 10.47
N THR A 190 -16.02 -7.73 9.86
CA THR A 190 -15.22 -6.70 10.58
C THR A 190 -15.88 -5.34 10.48
N THR A 191 -16.99 -5.23 9.75
CA THR A 191 -17.47 -3.90 9.33
C THR A 191 -18.56 -3.35 10.25
N GLY A 192 -18.72 -2.04 10.14
CA GLY A 192 -19.85 -1.29 10.65
C GLY A 192 -19.86 0.11 10.09
N CYS A 193 -20.96 0.80 10.35
CA CYS A 193 -21.13 2.23 10.07
C CYS A 193 -21.53 2.89 11.36
N ALA A 194 -20.66 3.71 11.94
CA ALA A 194 -21.02 4.54 13.10
C ALA A 194 -21.69 3.69 14.19
N GLY A 195 -21.19 2.46 14.41
CA GLY A 195 -21.61 1.64 15.57
C GLY A 195 -22.83 0.79 15.28
N PHE A 196 -23.23 0.66 14.01
CA PHE A 196 -24.33 -0.26 13.65
C PHE A 196 -23.99 -0.98 12.36
N PRO A 197 -24.73 -2.06 12.04
CA PRO A 197 -24.43 -2.85 10.86
C PRO A 197 -24.63 -2.04 9.58
N ILE A 198 -23.75 -2.25 8.61
CA ILE A 198 -23.81 -1.56 7.30
C ILE A 198 -25.15 -1.92 6.63
N ASP A 199 -25.62 -3.16 6.79
CA ASP A 199 -26.92 -3.62 6.19
C ASP A 199 -28.13 -2.86 6.76
N ASP A 200 -27.97 -2.14 7.86
CA ASP A 200 -29.11 -1.42 8.50
C ASP A 200 -29.32 -0.04 7.86
N LEU A 201 -28.33 0.43 7.10
CA LEU A 201 -28.43 1.77 6.48
C LEU A 201 -29.66 1.83 5.56
N ASP A 202 -29.92 0.76 4.80
CA ASP A 202 -31.13 0.71 3.94
C ASP A 202 -32.40 1.02 4.74
N GLU A 203 -32.51 0.49 5.96
CA GLU A 203 -33.68 0.75 6.85
C GLU A 203 -33.67 2.19 7.33
N TYR A 204 -32.53 2.67 7.84
CA TYR A 204 -32.44 4.07 8.30
C TYR A 204 -32.83 5.06 7.19
N PHE A 205 -32.50 4.73 5.95
CA PHE A 205 -32.70 5.67 4.81
C PHE A 205 -33.90 5.23 3.97
N HIS A 206 -34.67 4.25 4.43
CA HIS A 206 -35.90 3.75 3.76
C HIS A 206 -35.59 3.48 2.28
N ARG A 207 -34.56 2.72 1.98
CA ARG A 207 -34.23 2.34 0.58
C ARG A 207 -34.98 1.04 0.24
N THR A 208 -35.63 1.00 -0.92
CA THR A 208 -36.41 -0.17 -1.40
C THR A 208 -35.47 -1.21 -1.98
N GLU A 209 -34.49 -0.75 -2.74
CA GLU A 209 -33.43 -1.57 -3.34
C GLU A 209 -32.38 -1.80 -2.24
N LYS A 210 -32.09 -3.06 -1.95
CA LYS A 210 -31.20 -3.41 -0.82
C LYS A 210 -29.76 -3.45 -1.32
N LEU A 211 -28.84 -2.99 -0.48
CA LEU A 211 -27.39 -3.08 -0.69
C LEU A 211 -27.00 -4.50 -1.14
N SER A 212 -26.18 -4.58 -2.17
CA SER A 212 -25.56 -5.85 -2.66
C SER A 212 -24.08 -5.84 -2.22
N HIS A 213 -23.72 -6.72 -1.29
CA HIS A 213 -22.33 -6.94 -0.83
C HIS A 213 -21.45 -7.22 -2.04
N GLU A 214 -21.92 -8.10 -2.94
CA GLU A 214 -21.12 -8.47 -4.14
C GLU A 214 -20.90 -7.21 -5.00
N ALA A 215 -21.93 -6.37 -5.16
CA ALA A 215 -21.85 -5.13 -5.97
C ALA A 215 -20.78 -4.20 -5.36
N VAL A 216 -20.77 -4.08 -4.04
CA VAL A 216 -19.78 -3.18 -3.35
C VAL A 216 -18.37 -3.72 -3.56
N GLU A 217 -18.20 -5.03 -3.38
CA GLU A 217 -16.86 -5.64 -3.47
C GLU A 217 -16.38 -5.54 -4.92
N GLN A 218 -17.25 -5.71 -5.91
CA GLN A 218 -16.80 -5.63 -7.33
C GLN A 218 -16.49 -4.17 -7.69
N GLU A 219 -17.29 -3.24 -7.20
CA GLU A 219 -17.08 -1.80 -7.53
C GLU A 219 -15.71 -1.36 -7.02
N LEU A 220 -15.35 -1.74 -5.79
CA LEU A 220 -14.13 -1.21 -5.15
C LEU A 220 -12.93 -1.82 -5.87
N VAL A 221 -13.12 -2.99 -6.48
CA VAL A 221 -12.03 -3.58 -7.29
C VAL A 221 -12.00 -2.92 -8.65
N GLN A 222 -13.14 -2.84 -9.32
CA GLN A 222 -13.24 -2.41 -10.73
C GLN A 222 -12.86 -0.92 -10.83
N VAL A 223 -13.14 -0.13 -9.79
CA VAL A 223 -12.93 1.34 -9.93
C VAL A 223 -11.45 1.61 -10.21
N ALA A 224 -10.50 0.81 -9.72
CA ALA A 224 -9.06 1.03 -9.98
C ALA A 224 -8.81 0.98 -11.49
N TYR A 225 -9.41 0.00 -12.16
CA TYR A 225 -9.24 -0.15 -13.63
C TYR A 225 -9.96 0.99 -14.37
N ASP A 226 -11.13 1.37 -13.90
CA ASP A 226 -11.81 2.52 -14.57
C ASP A 226 -10.94 3.78 -14.47
N VAL A 227 -10.36 4.04 -13.31
CA VAL A 227 -9.49 5.25 -13.15
C VAL A 227 -8.27 5.12 -14.07
N ILE A 228 -7.66 3.93 -14.14
CA ILE A 228 -6.47 3.75 -15.01
C ILE A 228 -6.89 4.04 -16.45
N ASN A 229 -8.02 3.49 -16.89
CA ASN A 229 -8.51 3.66 -18.28
C ASN A 229 -8.84 5.13 -18.56
N LYS A 230 -9.34 5.90 -17.58
CA LYS A 230 -9.93 7.23 -17.84
C LYS A 230 -8.95 8.35 -17.50
N LYS A 231 -8.11 8.12 -16.49
CA LYS A 231 -7.10 9.10 -16.06
C LYS A 231 -5.75 8.71 -16.67
N GLY A 232 -5.53 7.40 -16.91
CA GLY A 232 -4.27 6.86 -17.50
C GLY A 232 -3.46 6.06 -16.50
N PHE A 233 -3.74 6.28 -15.21
CA PHE A 233 -2.94 5.79 -14.05
C PHE A 233 -3.71 6.21 -12.79
N THR A 234 -3.22 5.79 -11.62
CA THR A 234 -3.77 6.29 -10.34
C THR A 234 -2.57 6.79 -9.51
N ASN A 235 -2.79 7.75 -8.63
CA ASN A 235 -1.67 8.17 -7.74
C ASN A 235 -2.18 8.86 -6.48
N THR A 236 -3.34 9.48 -6.56
CA THR A 236 -3.79 10.31 -5.42
C THR A 236 -4.13 9.44 -4.20
N GLY A 237 -5.00 8.46 -4.40
CA GLY A 237 -5.43 7.63 -3.27
C GLY A 237 -4.26 6.84 -2.69
N ILE A 238 -3.38 6.33 -3.54
CA ILE A 238 -2.18 5.59 -3.02
C ILE A 238 -1.23 6.55 -2.26
N ALA A 239 -0.99 7.76 -2.76
CA ALA A 239 -0.16 8.76 -2.04
C ALA A 239 -0.73 8.99 -0.63
N MET A 240 -2.05 9.07 -0.55
CA MET A 240 -2.74 9.28 0.73
C MET A 240 -2.48 8.06 1.61
N ALA A 241 -2.66 6.84 1.12
CA ALA A 241 -2.41 5.62 1.93
C ALA A 241 -0.96 5.61 2.43
N ALA A 242 -0.01 5.92 1.55
CA ALA A 242 1.42 6.01 1.91
C ALA A 242 1.56 6.96 3.11
N CYS A 243 0.96 8.13 3.06
CA CYS A 243 1.09 9.14 4.12
C CYS A 243 0.45 8.60 5.41
N ARG A 244 -0.63 7.84 5.29
CA ARG A 244 -1.33 7.29 6.49
C ARG A 244 -0.37 6.35 7.24
N PHE A 245 0.29 5.45 6.52
CA PHE A 245 1.31 4.55 7.13
C PHE A 245 2.48 5.38 7.69
N ILE A 246 2.96 6.35 6.94
CA ILE A 246 4.06 7.23 7.43
C ILE A 246 3.68 7.81 8.79
N LYS A 247 2.43 8.26 8.93
CA LYS A 247 2.00 8.90 10.20
C LYS A 247 1.92 7.85 11.31
N SER A 248 1.48 6.63 11.02
CA SER A 248 1.41 5.57 12.06
C SER A 248 2.83 5.29 12.56
N VAL A 249 3.82 5.36 11.68
CA VAL A 249 5.24 5.11 12.02
C VAL A 249 5.76 6.33 12.78
N LEU A 250 5.65 7.54 12.25
CA LEU A 250 6.33 8.70 12.86
C LEU A 250 5.66 9.14 14.17
N TYR A 251 4.37 8.88 14.38
CA TYR A 251 3.63 9.18 15.63
C TYR A 251 3.50 7.93 16.47
N ASP A 252 4.22 6.87 16.11
CA ASP A 252 4.25 5.64 16.95
C ASP A 252 2.82 5.39 17.38
N GLU A 253 1.92 5.31 16.41
CA GLU A 253 0.48 5.33 16.76
C GLU A 253 -0.05 4.00 17.29
N HIS A 254 0.53 2.88 16.87
CA HIS A 254 -0.01 1.54 17.25
C HIS A 254 -1.37 1.35 16.55
N THR A 255 -1.48 1.87 15.35
CA THR A 255 -2.76 1.75 14.62
C THR A 255 -2.87 0.35 14.00
N ILE A 256 -4.02 -0.29 14.17
CA ILE A 256 -4.32 -1.55 13.46
C ILE A 256 -4.90 -1.19 12.10
N LEU A 257 -4.23 -1.62 11.03
CA LEU A 257 -4.54 -1.24 9.64
C LEU A 257 -4.37 -2.45 8.74
N PRO A 258 -5.12 -2.53 7.62
CA PRO A 258 -4.86 -3.51 6.58
C PRO A 258 -3.58 -3.11 5.86
N CYS A 259 -2.60 -4.01 5.84
CA CYS A 259 -1.35 -3.78 5.07
C CYS A 259 -0.74 -5.14 4.75
N SER A 260 0.10 -5.14 3.73
CA SER A 260 0.67 -6.37 3.14
C SER A 260 2.02 -6.68 3.79
N ALA A 261 2.18 -7.94 4.17
CA ALA A 261 3.44 -8.51 4.68
C ALA A 261 3.35 -10.02 4.55
N VAL A 262 4.51 -10.66 4.64
CA VAL A 262 4.53 -12.15 4.53
C VAL A 262 3.77 -12.76 5.72
N LEU A 263 2.73 -13.56 5.45
CA LEU A 263 1.97 -14.24 6.53
C LEU A 263 2.85 -15.33 7.15
N GLU A 264 2.67 -15.56 8.45
CA GLU A 264 3.41 -16.55 9.25
C GLU A 264 2.42 -17.51 9.92
N GLY A 265 1.40 -17.97 9.22
CA GLY A 265 0.53 -19.06 9.70
C GLY A 265 -0.89 -18.59 9.98
N GLU A 266 -1.13 -17.27 9.97
CA GLU A 266 -2.50 -16.73 10.10
C GLU A 266 -3.39 -17.37 9.04
N TYR A 267 -4.59 -17.82 9.40
CA TYR A 267 -5.60 -18.40 8.48
C TYR A 267 -5.07 -19.68 7.79
N GLY A 268 -4.04 -20.29 8.35
CA GLY A 268 -3.36 -21.48 7.80
C GLY A 268 -2.43 -21.11 6.64
N ILE A 269 -2.07 -19.83 6.48
CA ILE A 269 -1.31 -19.37 5.29
C ILE A 269 0.10 -18.98 5.72
N LYS A 270 1.11 -19.39 4.97
CA LYS A 270 2.49 -18.88 5.17
C LYS A 270 3.16 -18.71 3.83
N ASP A 271 4.28 -18.00 3.85
CA ASP A 271 5.18 -17.83 2.70
C ASP A 271 4.38 -17.26 1.52
N VAL A 272 3.52 -16.28 1.82
CA VAL A 272 2.94 -15.37 0.80
C VAL A 272 2.63 -14.07 1.53
N ALA A 273 2.76 -12.93 0.84
CA ALA A 273 2.25 -11.63 1.34
C ALA A 273 0.80 -11.40 0.88
N LEU A 274 -0.03 -11.01 1.82
CA LEU A 274 -1.41 -10.50 1.64
C LEU A 274 -1.66 -9.44 2.71
N SER A 275 -2.74 -8.70 2.56
CA SER A 275 -3.17 -7.73 3.60
C SER A 275 -4.03 -8.48 4.62
N ILE A 276 -3.63 -8.42 5.88
CA ILE A 276 -4.44 -8.81 7.06
C ILE A 276 -4.25 -7.66 8.05
N PRO A 277 -5.08 -7.56 9.10
CA PRO A 277 -4.96 -6.47 10.07
C PRO A 277 -3.64 -6.55 10.84
N ARG A 278 -2.87 -5.44 10.84
CA ARG A 278 -1.55 -5.41 11.49
C ARG A 278 -1.38 -4.08 12.21
N MET A 279 -0.69 -4.14 13.34
CA MET A 279 -0.43 -2.91 14.13
C MET A 279 0.83 -2.25 13.59
N VAL A 280 0.76 -0.94 13.33
CA VAL A 280 1.90 -0.20 12.76
C VAL A 280 2.37 0.83 13.80
N OCS A 281 3.68 0.88 14.01
CA OCS A 281 4.23 1.82 15.01
CB OCS A 281 4.08 1.28 16.40
SG OCS A 281 4.92 -0.25 16.72
C OCS A 281 5.63 2.26 14.59
O OCS A 281 6.03 1.95 13.46
OD1 OCS A 281 3.95 -1.29 16.47
OD2 OCS A 281 6.12 -0.24 15.96
OD3 OCS A 281 5.26 -0.20 18.21
N ALA A 282 6.34 3.01 15.44
CA ALA A 282 7.67 3.56 15.08
C ALA A 282 8.64 2.47 14.61
N ASP A 283 8.45 1.25 15.09
CA ASP A 283 9.33 0.11 14.71
C ASP A 283 8.65 -0.71 13.60
N GLY A 284 7.66 -0.14 12.90
CA GLY A 284 7.03 -0.81 11.74
C GLY A 284 5.93 -1.75 12.18
N ILE A 285 5.84 -2.96 11.63
CA ILE A 285 4.74 -3.90 11.97
C ILE A 285 5.08 -4.64 13.28
N MET A 286 4.38 -4.40 14.31
N MET A 286 4.43 -4.36 14.32
CA MET A 286 4.65 -5.09 15.60
CA MET A 286 4.64 -5.09 15.60
C MET A 286 4.05 -6.49 15.55
C MET A 286 4.05 -6.50 15.53
N ARG A 287 2.87 -6.62 14.94
CA ARG A 287 2.20 -7.93 14.88
C ARG A 287 0.92 -7.87 14.06
N SER A 288 0.30 -9.02 13.84
CA SER A 288 -0.97 -9.15 13.13
C SER A 288 -2.07 -9.33 14.17
N PHE A 289 -3.29 -9.06 13.77
CA PHE A 289 -4.53 -9.42 14.50
C PHE A 289 -5.35 -10.33 13.62
N GLU A 290 -5.32 -11.61 13.97
CA GLU A 290 -5.98 -12.66 13.16
C GLU A 290 -7.45 -12.64 13.53
N VAL A 291 -8.20 -11.68 13.00
CA VAL A 291 -9.66 -11.56 13.23
C VAL A 291 -10.35 -12.84 12.74
N HIS A 292 -11.47 -13.21 13.37
CA HIS A 292 -12.18 -14.48 13.09
C HIS A 292 -13.03 -14.30 11.83
N LEU A 293 -12.59 -14.83 10.69
CA LEU A 293 -13.29 -14.69 9.40
C LEU A 293 -14.39 -15.72 9.32
N THR A 294 -15.47 -15.39 8.64
CA THR A 294 -16.55 -16.37 8.33
C THR A 294 -15.93 -17.43 7.41
N ASP A 295 -16.61 -18.55 7.19
CA ASP A 295 -16.10 -19.59 6.28
C ASP A 295 -15.88 -19.00 4.88
N ASP A 296 -16.80 -18.18 4.38
CA ASP A 296 -16.73 -17.54 3.03
C ASP A 296 -15.53 -16.59 2.96
N GLU A 297 -15.31 -15.78 4.00
CA GLU A 297 -14.15 -14.84 4.06
C GLU A 297 -12.84 -15.62 4.08
N LEU A 298 -12.78 -16.68 4.88
CA LEU A 298 -11.57 -17.56 4.95
C LEU A 298 -11.27 -18.14 3.56
N GLU A 299 -12.30 -18.63 2.86
N GLU A 299 -12.28 -18.62 2.85
CA GLU A 299 -12.17 -19.15 1.46
CA GLU A 299 -12.07 -19.17 1.48
C GLU A 299 -11.55 -18.06 0.57
C GLU A 299 -11.53 -18.06 0.56
N LYS A 300 -12.04 -16.83 0.67
CA LYS A 300 -11.50 -15.70 -0.14
C LYS A 300 -10.04 -15.43 0.23
N MET A 301 -9.66 -15.47 1.51
CA MET A 301 -8.24 -15.28 1.93
C MET A 301 -7.38 -16.38 1.27
N HIS A 302 -7.83 -17.62 1.31
N HIS A 302 -7.83 -17.63 1.29
CA HIS A 302 -7.11 -18.78 0.69
CA HIS A 302 -7.08 -18.77 0.68
C HIS A 302 -6.97 -18.58 -0.82
C HIS A 302 -6.96 -18.57 -0.84
N LYS A 303 -8.04 -18.15 -1.50
CA LYS A 303 -8.03 -17.86 -2.96
C LYS A 303 -7.00 -16.77 -3.23
N ALA A 304 -6.98 -15.72 -2.43
CA ALA A 304 -5.98 -14.64 -2.56
C ALA A 304 -4.57 -15.20 -2.37
N ALA A 305 -4.34 -15.97 -1.31
CA ALA A 305 -3.04 -16.64 -1.03
C ALA A 305 -2.59 -17.43 -2.26
N GLN A 306 -3.50 -18.23 -2.83
N GLN A 306 -3.49 -18.24 -2.83
CA GLN A 306 -3.22 -19.13 -3.98
CA GLN A 306 -3.19 -19.13 -3.99
C GLN A 306 -2.84 -18.29 -5.21
C GLN A 306 -2.82 -18.27 -5.20
N SER A 307 -3.57 -17.20 -5.45
CA SER A 307 -3.40 -16.35 -6.64
C SER A 307 -2.05 -15.62 -6.56
N VAL A 308 -1.70 -15.05 -5.41
CA VAL A 308 -0.40 -14.34 -5.26
C VAL A 308 0.76 -15.35 -5.34
N ARG A 309 0.62 -16.48 -4.67
CA ARG A 309 1.71 -17.50 -4.63
C ARG A 309 1.96 -18.01 -6.05
N SER A 310 0.89 -18.19 -6.84
CA SER A 310 1.00 -18.63 -8.25
C SER A 310 1.67 -17.55 -9.12
N ALA A 311 1.40 -16.27 -8.86
CA ALA A 311 2.06 -15.15 -9.58
C ALA A 311 3.55 -15.11 -9.18
N LEU A 312 3.88 -15.31 -7.91
CA LEU A 312 5.30 -15.36 -7.46
C LEU A 312 6.01 -16.52 -8.20
N ASP A 313 5.37 -17.67 -8.23
CA ASP A 313 5.92 -18.89 -8.90
C ASP A 313 6.15 -18.61 -10.40
N GLY A 314 5.17 -18.01 -11.09
CA GLY A 314 5.22 -17.66 -12.52
C GLY A 314 6.34 -16.68 -12.86
N ALA A 315 6.79 -15.89 -11.88
CA ALA A 315 7.83 -14.85 -12.03
C ALA A 315 9.19 -15.40 -11.61
N GLY A 316 9.23 -16.67 -11.26
CA GLY A 316 10.43 -17.38 -10.80
C GLY A 316 10.90 -16.90 -9.44
N ILE A 317 9.97 -16.60 -8.53
CA ILE A 317 10.31 -16.32 -7.11
C ILE A 317 10.05 -17.58 -6.32
N LYS A 318 11.07 -18.08 -5.63
CA LYS A 318 11.07 -19.35 -4.85
C LYS A 318 10.09 -19.30 -3.67
N HIS A 319 9.64 -20.47 -3.22
N HIS A 319 9.64 -20.48 -3.24
CA HIS A 319 9.08 -20.65 -1.86
CA HIS A 319 9.13 -20.74 -1.86
C HIS A 319 10.24 -20.50 -0.88
C HIS A 319 10.27 -20.49 -0.87
N HIS A 320 9.96 -19.97 0.31
CA HIS A 320 10.94 -19.74 1.41
C HIS A 320 10.37 -20.40 2.68
N HIS A 321 11.23 -20.70 3.65
CA HIS A 321 10.85 -21.40 4.92
C HIS A 321 11.81 -21.00 6.05
N HIS A 322 11.48 -21.40 7.29
CA HIS A 322 12.25 -21.16 8.55
C HIS A 322 12.88 -22.47 9.05
PA NAD B . 5.38 4.61 -14.21
O1A NAD B . 5.63 3.49 -15.16
O2A NAD B . 4.75 5.84 -14.73
O5B NAD B . 6.77 5.01 -13.52
C5B NAD B . 7.64 4.04 -12.94
C4B NAD B . 8.95 4.73 -12.68
O4B NAD B . 9.91 3.79 -12.13
C3B NAD B . 9.64 5.34 -13.91
O3B NAD B . 9.97 6.70 -13.67
C2B NAD B . 10.90 4.48 -14.09
O2B NAD B . 11.97 5.17 -14.68
C1B NAD B . 11.17 4.09 -12.65
N9A NAD B . 12.03 2.92 -12.49
C8A NAD B . 11.94 1.74 -13.19
N7A NAD B . 12.85 0.87 -12.82
C5A NAD B . 13.58 1.52 -11.84
C6A NAD B . 14.69 1.13 -11.07
N6A NAD B . 15.27 -0.05 -11.16
N1A NAD B . 15.18 2.03 -10.18
C2A NAD B . 14.58 3.22 -10.08
N3A NAD B . 13.54 3.70 -10.76
C4A NAD B . 13.08 2.80 -11.63
O3 NAD B . 4.53 4.06 -12.98
PN NAD B . 3.60 4.77 -11.89
O1N NAD B . 2.28 5.12 -12.48
O2N NAD B . 4.40 5.83 -11.22
O5D NAD B . 3.37 3.56 -10.87
C5D NAD B . 4.53 3.07 -10.18
C4D NAD B . 4.21 1.72 -9.59
O4D NAD B . 3.24 1.90 -8.53
C3D NAD B . 3.60 0.70 -10.56
O3D NAD B . 4.15 -0.59 -10.32
C2D NAD B . 2.12 0.78 -10.19
O2D NAD B . 1.36 -0.34 -10.59
C1D NAD B . 2.25 0.91 -8.68
N1N NAD B . 0.99 1.39 -8.03
C2N NAD B . 0.60 0.82 -6.86
C3N NAD B . -0.57 1.23 -6.25
C7N NAD B . -0.98 0.51 -4.99
O7N NAD B . -2.08 0.73 -4.51
N7N NAD B . -0.10 -0.30 -4.43
C4N NAD B . -1.29 2.26 -6.81
C5N NAD B . -0.83 2.88 -7.94
C6N NAD B . 0.28 2.39 -8.57
C1 MLA C . -2.74 0.19 -9.01
O1A MLA C . -1.83 0.39 -9.85
O1B MLA C . -2.68 -0.61 -8.01
C2 MLA C . -3.99 1.03 -9.16
C3 MLA C . -4.70 1.36 -7.86
O3A MLA C . -4.84 2.58 -7.57
O3B MLA C . -5.19 0.40 -7.15
C1 MLA D . 2.99 35.78 2.19
O1A MLA D . 2.84 34.85 1.41
O1B MLA D . 2.27 35.95 3.18
C2 MLA D . 4.11 36.77 1.91
C3 MLA D . 4.25 38.02 2.78
O3A MLA D . 3.49 38.16 3.75
O3B MLA D . 5.11 38.84 2.46
B BO3 E . -6.36 -1.64 -17.24
O1 BO3 E . -5.01 -1.79 -17.14
O2 BO3 E . -6.98 -0.74 -16.44
O3 BO3 E . -7.13 -2.37 -18.10
C1 EDO F . 18.74 0.05 -9.09
O1 EDO F . 17.75 -0.68 -9.80
C2 EDO F . 18.63 1.49 -9.42
O2 EDO F . 17.48 2.10 -8.85
C1 EDO G . 3.07 -11.54 10.00
O1 EDO G . 1.75 -11.77 9.49
C2 EDO G . 3.21 -10.28 10.79
O2 EDO G . 2.87 -9.16 10.01
C1 EDO H . -10.01 -0.08 9.48
O1 EDO H . -9.79 1.28 9.76
C2 EDO H . -10.49 -0.81 10.68
O2 EDO H . -11.80 -0.44 11.08
C1 EDO I . 0.12 26.23 1.42
O1 EDO I . -0.59 26.15 2.63
C2 EDO I . -0.44 27.22 0.48
O2 EDO I . -0.19 28.54 0.89
OH3 1PE J . -35.43 1.01 15.80
C13 1PE J . -34.98 2.05 13.70
C23 1PE J . -35.04 2.23 15.17
OH4 1PE J . -34.03 1.04 13.37
C14 1PE J . -32.67 -0.01 11.71
C24 1PE J . -33.63 1.09 12.00
OH5 1PE J . -33.38 -1.26 11.67
C15 1PE J . -33.38 -3.57 11.10
C25 1PE J . -32.55 -2.35 11.33
OH6 1PE J . -33.92 -4.01 12.33
B BO3 K . 19.85 5.77 -9.96
O1 BO3 K . 20.47 5.97 -8.76
O2 BO3 K . 20.05 6.57 -11.05
O3 BO3 K . 19.00 4.73 -10.04
OH4 1PE L . 0.80 19.35 -6.23
C14 1PE L . -0.34 18.11 -4.56
C24 1PE L . 0.96 18.36 -5.23
OH5 1PE L . -0.16 17.19 -3.49
C15 1PE L . -1.37 15.39 -4.46
C25 1PE L . -0.05 15.84 -3.93
OH6 1PE L . -1.43 13.97 -4.41
C1 EDO M . 6.05 14.32 15.02
O1 EDO M . 6.41 12.98 14.95
C2 EDO M . 7.17 15.23 14.97
O2 EDO M . 7.00 16.42 14.23
#